data_2D8L
#
_entry.id   2D8L
#
_cell.length_a   91.831
_cell.length_b   91.831
_cell.length_c   178.865
_cell.angle_alpha   90.00
_cell.angle_beta   90.00
_cell.angle_gamma   120.00
#
_symmetry.space_group_name_H-M   'P 61 2 2'
#
loop_
_entity.id
_entity.type
_entity.pdbx_description
1 polymer 'Putative glycosyl hydrolase yteR'
2 branched '4-deoxy-alpha-L-threo-hex-4-enopyranuronic acid-(1-3)-2-acetamido-2-deoxy-beta-D-galactopyranose'
3 water water
#
_entity_poly.entity_id   1
_entity_poly.type   'polypeptide(L)'
_entity_poly.pdbx_seq_one_letter_code
;MGSMDQSIAVKSPLTYAEALANTIMNTYTVEELPPANRWHYHQGVFLCGVLRLWEATGEKRYFEYAKAYADLLIDDNGNL
LFRRDELDAIQAGLILFPLYEQTKDERYVKAAKRLRSLYGTLNRTSEGGFWHKDGYPYQMWLDGLYMGGPFALKYANLKQ
ETELFDQVVLQESLMRKHTKDAKTGLFYHAWDEAKKMPWANEETGCSPEFWARSIGWYVMSLADMIEELPKKHPNRHVWK
NTLQDMIKSICRYQDKETGLWYQIVDKGDRSDNWLESSGSCLYMYAIAKGINKGYLDRAYETTLLKAYQGLIQHKTETSE
DGAFLVKDICVGTSAGFYDYYVSRERSTNDLHGAGAFILAMTELEPLFRSAGK
;
_entity_poly.pdbx_strand_id   A
#
loop_
_chem_comp.id
_chem_comp.type
_chem_comp.name
_chem_comp.formula
GCD L-saccharide, alpha linking '4-deoxy-alpha-L-threo-hex-4-enopyranuronic acid' 'C6 H8 O6'
NGA D-saccharide, beta linking 2-acetamido-2-deoxy-beta-D-galactopyranose 'C8 H15 N O6'
#
# COMPACT_ATOMS: atom_id res chain seq x y z
N LYS A 11 -15.47 -9.81 15.55
CA LYS A 11 -14.99 -9.00 16.68
C LYS A 11 -14.67 -7.56 16.30
N SER A 12 -14.07 -6.76 17.18
CA SER A 12 -13.66 -5.41 16.82
C SER A 12 -12.37 -5.46 15.98
N PRO A 13 -12.25 -4.51 15.06
CA PRO A 13 -11.11 -4.51 14.13
C PRO A 13 -9.76 -4.63 14.83
N LEU A 14 -9.53 -3.89 15.91
CA LEU A 14 -8.21 -3.93 16.58
C LEU A 14 -7.90 -5.32 17.16
N THR A 15 -8.88 -6.10 17.58
CA THR A 15 -8.68 -7.45 18.10
C THR A 15 -8.00 -8.34 17.06
N TYR A 16 -8.55 -8.29 15.84
CA TYR A 16 -7.98 -9.05 14.73
C TYR A 16 -6.62 -8.50 14.31
N ALA A 17 -6.52 -7.17 14.37
CA ALA A 17 -5.22 -6.58 14.03
C ALA A 17 -4.15 -7.06 15.00
N GLU A 18 -4.44 -7.04 16.30
CA GLU A 18 -3.47 -7.54 17.27
C GLU A 18 -3.19 -9.02 17.13
N ALA A 19 -4.22 -9.81 16.84
CA ALA A 19 -4.03 -11.24 16.66
C ALA A 19 -3.08 -11.52 15.49
N LEU A 20 -3.26 -10.81 14.37
CA LEU A 20 -2.39 -11.05 13.22
C LEU A 20 -0.96 -10.59 13.49
N ALA A 21 -0.86 -9.37 14.03
CA ALA A 21 0.48 -8.86 14.33
C ALA A 21 1.25 -9.79 15.27
N ASN A 22 0.61 -10.22 16.36
CA ASN A 22 1.31 -11.11 17.29
C ASN A 22 1.61 -12.45 16.63
N THR A 23 0.71 -12.95 15.80
CA THR A 23 1.00 -14.20 15.08
C THR A 23 2.26 -14.08 14.24
N ILE A 24 2.33 -12.97 13.49
CA ILE A 24 3.54 -12.84 12.66
C ILE A 24 4.78 -12.55 13.49
N MET A 25 4.65 -11.71 14.50
CA MET A 25 5.80 -11.52 15.40
C MET A 25 6.23 -12.83 16.04
N ASN A 26 5.27 -13.73 16.29
CA ASN A 26 5.69 -15.01 16.87
C ASN A 26 6.33 -15.90 15.81
N THR A 27 5.96 -15.73 14.54
CA THR A 27 6.51 -16.55 13.44
C THR A 27 7.95 -16.19 13.11
N TYR A 28 8.26 -14.90 13.12
CA TYR A 28 9.59 -14.46 12.77
C TYR A 28 10.23 -13.54 13.79
N THR A 29 11.48 -13.84 14.06
CA THR A 29 12.31 -12.82 14.71
C THR A 29 12.56 -11.73 13.66
N VAL A 30 13.00 -10.56 14.09
CA VAL A 30 13.28 -9.53 13.09
C VAL A 30 14.38 -10.02 12.13
N GLU A 31 15.33 -10.84 12.54
CA GLU A 31 16.34 -11.39 11.63
C GLU A 31 15.71 -12.32 10.60
N GLU A 32 14.49 -12.84 10.86
CA GLU A 32 13.84 -13.73 9.93
C GLU A 32 12.78 -13.07 9.04
N LEU A 33 12.24 -11.95 9.51
CA LEU A 33 11.12 -11.28 8.81
C LEU A 33 11.45 -11.14 7.34
N PRO A 34 10.76 -11.85 6.46
CA PRO A 34 11.19 -12.02 5.09
C PRO A 34 10.89 -10.87 4.12
N PRO A 35 11.75 -10.66 3.11
CA PRO A 35 13.02 -11.35 2.86
C PRO A 35 14.08 -11.01 3.90
N ALA A 36 14.58 -12.10 4.51
CA ALA A 36 15.37 -11.95 5.72
C ALA A 36 16.60 -11.06 5.52
N ASN A 37 16.85 -10.17 6.45
CA ASN A 37 17.96 -9.27 6.55
C ASN A 37 18.02 -8.35 5.33
N ARG A 38 16.87 -8.12 4.74
CA ARG A 38 16.77 -7.17 3.63
C ARG A 38 15.83 -6.03 4.02
N TRP A 39 16.21 -4.82 3.64
CA TRP A 39 15.34 -3.64 3.71
C TRP A 39 14.40 -3.67 2.52
N HIS A 40 13.11 -3.85 2.75
CA HIS A 40 12.22 -4.02 1.59
C HIS A 40 10.79 -3.65 1.97
N TYR A 41 9.91 -3.49 0.98
CA TYR A 41 8.59 -2.98 1.33
C TYR A 41 7.70 -4.04 2.00
N HIS A 42 8.02 -5.30 1.82
CA HIS A 42 7.23 -6.34 2.48
C HIS A 42 7.23 -6.09 3.98
N GLN A 43 8.41 -6.01 4.58
CA GLN A 43 8.51 -5.67 6.01
C GLN A 43 8.08 -4.22 6.26
N GLY A 44 8.44 -3.31 5.33
CA GLY A 44 8.04 -1.90 5.52
C GLY A 44 6.52 -1.80 5.64
N VAL A 45 5.71 -2.45 4.80
CA VAL A 45 4.26 -2.26 4.99
C VAL A 45 3.73 -3.00 6.23
N PHE A 46 4.24 -4.19 6.51
CA PHE A 46 3.83 -4.87 7.76
C PHE A 46 4.13 -4.00 8.97
N LEU A 47 5.32 -3.41 9.02
CA LEU A 47 5.74 -2.63 10.18
C LEU A 47 5.07 -1.26 10.24
N CYS A 48 4.70 -0.66 9.11
CA CYS A 48 3.82 0.50 9.11
C CYS A 48 2.53 0.14 9.86
N GLY A 49 2.04 -1.06 9.55
CA GLY A 49 0.86 -1.59 10.22
C GLY A 49 1.08 -1.72 11.72
N VAL A 50 2.13 -2.42 12.13
CA VAL A 50 2.47 -2.60 13.55
C VAL A 50 2.67 -1.29 14.26
N LEU A 51 3.31 -0.30 13.60
CA LEU A 51 3.48 1.00 14.28
C LEU A 51 2.15 1.77 14.39
N ARG A 52 1.28 1.62 13.41
CA ARG A 52 -0.07 2.17 13.46
C ARG A 52 -0.81 1.53 14.65
N LEU A 53 -0.59 0.23 14.80
CA LEU A 53 -1.18 -0.55 15.89
C LEU A 53 -0.62 -0.04 17.21
N TRP A 54 0.67 0.27 17.22
CA TRP A 54 1.31 0.83 18.42
C TRP A 54 0.63 2.14 18.80
N GLU A 55 0.37 3.00 17.81
CA GLU A 55 -0.31 4.28 18.03
C GLU A 55 -1.72 4.03 18.57
N ALA A 56 -2.42 3.07 17.97
CA ALA A 56 -3.78 2.77 18.39
C ALA A 56 -3.85 2.22 19.81
N THR A 57 -2.96 1.31 20.18
CA THR A 57 -3.06 0.60 21.44
C THR A 57 -2.13 1.12 22.52
N GLY A 58 -1.03 1.79 22.19
CA GLY A 58 -0.03 2.12 23.20
C GLY A 58 0.82 0.95 23.66
N GLU A 59 0.69 -0.22 23.04
CA GLU A 59 1.48 -1.38 23.44
C GLU A 59 2.90 -1.30 22.87
N LYS A 60 3.86 -1.12 23.75
CA LYS A 60 5.25 -0.91 23.41
C LYS A 60 5.88 -2.08 22.68
N ARG A 61 5.39 -3.30 22.85
CA ARG A 61 6.02 -4.40 22.13
C ARG A 61 5.93 -4.20 20.61
N TYR A 62 4.88 -3.52 20.15
CA TYR A 62 4.71 -3.29 18.71
C TYR A 62 5.79 -2.31 18.23
N PHE A 63 5.99 -1.24 18.99
CA PHE A 63 7.02 -0.25 18.72
C PHE A 63 8.40 -0.91 18.73
N GLU A 64 8.66 -1.67 19.79
CA GLU A 64 9.95 -2.32 19.91
C GLU A 64 10.26 -3.28 18.77
N TYR A 65 9.30 -4.04 18.27
CA TYR A 65 9.58 -5.01 17.20
C TYR A 65 9.95 -4.25 15.94
N ALA A 66 9.16 -3.24 15.57
CA ALA A 66 9.45 -2.36 14.45
C ALA A 66 10.86 -1.74 14.59
N LYS A 67 11.14 -1.11 15.73
CA LYS A 67 12.46 -0.53 15.99
C LYS A 67 13.58 -1.56 15.85
N ALA A 68 13.39 -2.81 16.24
CA ALA A 68 14.43 -3.82 16.15
C ALA A 68 14.70 -4.16 14.69
N TYR A 69 13.66 -4.20 13.86
CA TYR A 69 13.96 -4.44 12.45
C TYR A 69 14.78 -3.27 11.88
N ALA A 70 14.38 -2.04 12.21
CA ALA A 70 15.10 -0.88 11.71
C ALA A 70 16.55 -0.94 12.15
N ASP A 71 16.71 -1.28 13.44
CA ASP A 71 18.06 -1.30 14.00
C ASP A 71 18.85 -2.49 13.46
N LEU A 72 18.19 -3.52 12.94
CA LEU A 72 18.95 -4.60 12.36
C LEU A 72 19.63 -4.09 11.08
N LEU A 73 18.91 -3.26 10.33
CA LEU A 73 19.33 -2.85 8.98
C LEU A 73 20.13 -1.53 8.95
N ILE A 74 19.92 -0.70 9.94
CA ILE A 74 20.57 0.61 10.00
C ILE A 74 21.59 0.64 11.11
N ASP A 75 22.87 0.92 10.81
CA ASP A 75 23.89 0.81 11.85
C ASP A 75 24.05 2.08 12.66
N ASP A 76 25.14 2.13 13.46
CA ASP A 76 25.33 3.26 14.36
C ASP A 76 25.43 4.58 13.61
N ASN A 77 25.88 4.52 12.36
CA ASN A 77 26.09 5.79 11.66
C ASN A 77 24.95 6.11 10.72
N GLY A 78 23.85 5.35 10.78
CA GLY A 78 22.76 5.62 9.87
C GLY A 78 22.90 4.92 8.53
N ASN A 79 23.90 4.04 8.40
CA ASN A 79 24.18 3.37 7.14
C ASN A 79 23.18 2.22 6.93
N LEU A 80 22.82 2.07 5.67
CA LEU A 80 21.80 1.12 5.26
C LEU A 80 22.10 0.51 3.91
N LEU A 81 22.00 -0.79 3.73
CA LEU A 81 22.12 -1.41 2.42
C LEU A 81 20.74 -1.63 1.85
N PHE A 82 20.50 -1.38 0.57
CA PHE A 82 19.18 -1.57 -0.01
C PHE A 82 19.33 -1.64 -1.53
N ARG A 83 18.27 -1.94 -2.28
CA ARG A 83 18.35 -2.00 -3.74
C ARG A 83 18.23 -0.61 -4.32
N ARG A 84 19.33 -0.05 -4.81
CA ARG A 84 19.47 1.38 -5.02
C ARG A 84 18.76 1.89 -6.26
N ASP A 85 18.20 0.98 -7.07
CA ASP A 85 17.47 1.40 -8.25
C ASP A 85 15.96 1.23 -8.10
N GLU A 86 15.49 0.74 -6.96
CA GLU A 86 14.07 0.40 -6.82
C GLU A 86 13.25 1.39 -6.02
N LEU A 87 12.10 1.81 -6.54
CA LEU A 87 11.13 2.51 -5.71
C LEU A 87 10.75 1.65 -4.50
N ASP A 88 10.76 0.35 -4.71
CA ASP A 88 10.42 -0.60 -3.64
C ASP A 88 11.28 -0.41 -2.41
N ALA A 89 12.51 0.08 -2.56
CA ALA A 89 13.45 0.24 -1.44
C ALA A 89 13.11 1.39 -0.50
N ILE A 90 12.35 2.34 -1.07
CA ILE A 90 12.04 3.59 -0.41
C ILE A 90 10.90 3.39 0.59
N GLN A 91 9.95 2.50 0.28
CA GLN A 91 8.74 2.39 1.11
C GLN A 91 9.08 2.17 2.58
N ALA A 92 10.00 1.30 2.93
CA ALA A 92 10.20 1.01 4.36
C ALA A 92 10.63 2.26 5.12
N GLY A 93 11.14 3.28 4.43
CA GLY A 93 11.51 4.54 5.07
C GLY A 93 10.33 5.16 5.81
N LEU A 94 9.09 4.78 5.47
CA LEU A 94 7.94 5.34 6.21
C LEU A 94 8.02 5.02 7.69
N ILE A 95 8.69 3.90 8.05
CA ILE A 95 8.78 3.56 9.45
C ILE A 95 9.73 4.50 10.19
N LEU A 96 10.58 5.21 9.41
CA LEU A 96 11.57 6.02 10.08
C LEU A 96 10.96 7.23 10.77
N PHE A 97 9.83 7.71 10.27
CA PHE A 97 9.28 8.96 10.84
C PHE A 97 8.72 8.72 12.24
N PRO A 98 7.89 7.72 12.52
CA PRO A 98 7.47 7.46 13.91
C PRO A 98 8.62 7.04 14.82
N LEU A 99 9.58 6.27 14.30
CA LEU A 99 10.74 5.91 15.11
C LEU A 99 11.51 7.14 15.52
N TYR A 100 11.75 8.05 14.55
CA TYR A 100 12.51 9.25 14.90
C TYR A 100 11.72 10.09 15.91
N GLU A 101 10.43 10.23 15.61
CA GLU A 101 9.59 11.10 16.44
C GLU A 101 9.62 10.61 17.89
N GLN A 102 9.64 9.30 18.05
CA GLN A 102 9.58 8.78 19.41
C GLN A 102 10.93 8.88 20.10
N THR A 103 11.99 8.62 19.36
CA THR A 103 13.30 8.43 19.96
C THR A 103 14.18 9.68 19.81
N LYS A 104 13.85 10.57 18.87
CA LYS A 104 14.80 11.56 18.39
C LYS A 104 16.18 11.02 18.02
N ASP A 105 16.34 9.76 17.64
CA ASP A 105 17.67 9.23 17.30
C ASP A 105 17.96 9.61 15.85
N GLU A 106 18.90 10.52 15.65
CA GLU A 106 19.25 10.97 14.31
C GLU A 106 19.64 9.87 13.35
N ARG A 107 20.01 8.67 13.81
CA ARG A 107 20.25 7.57 12.88
C ARG A 107 19.07 7.44 11.91
N TYR A 108 17.85 7.66 12.41
CA TYR A 108 16.70 7.35 11.54
C TYR A 108 16.55 8.44 10.47
N VAL A 109 16.86 9.69 10.79
CA VAL A 109 16.81 10.77 9.80
C VAL A 109 17.94 10.62 8.80
N LYS A 110 19.10 10.18 9.27
CA LYS A 110 20.21 9.91 8.34
C LYS A 110 19.83 8.83 7.31
N ALA A 111 19.25 7.72 7.75
CA ALA A 111 18.83 6.67 6.85
C ALA A 111 17.77 7.22 5.89
N ALA A 112 16.86 8.03 6.46
CA ALA A 112 15.79 8.59 5.63
C ALA A 112 16.37 9.46 4.53
N LYS A 113 17.43 10.21 4.90
CA LYS A 113 17.99 11.07 3.86
C LYS A 113 18.67 10.24 2.77
N ARG A 114 19.23 9.08 3.12
CA ARG A 114 19.77 8.22 2.08
C ARG A 114 18.70 7.78 1.09
N LEU A 115 17.51 7.45 1.59
CA LEU A 115 16.43 7.03 0.69
C LEU A 115 15.88 8.20 -0.10
N ARG A 116 15.72 9.33 0.58
CA ARG A 116 15.22 10.51 -0.11
C ARG A 116 16.19 10.92 -1.22
N SER A 117 17.48 10.68 -1.02
CA SER A 117 18.45 11.12 -2.04
C SER A 117 18.36 10.29 -3.32
N LEU A 118 17.66 9.16 -3.20
CA LEU A 118 17.53 8.29 -4.35
C LEU A 118 16.72 8.91 -5.48
N TYR A 119 15.80 9.83 -5.18
CA TYR A 119 14.93 10.33 -6.24
C TYR A 119 15.74 10.97 -7.37
N GLY A 120 16.81 11.65 -6.99
CA GLY A 120 17.60 12.33 -8.00
C GLY A 120 18.51 11.43 -8.81
N THR A 121 18.69 10.20 -8.36
CA THR A 121 19.49 9.22 -9.08
C THR A 121 18.69 8.32 -10.02
N LEU A 122 17.35 8.28 -9.92
CA LEU A 122 16.63 7.28 -10.68
C LEU A 122 16.37 7.73 -12.12
N ASN A 123 16.26 6.75 -13.00
CA ASN A 123 15.94 7.03 -14.39
C ASN A 123 14.45 7.34 -14.52
N ARG A 124 14.11 8.05 -15.59
CA ARG A 124 12.75 8.57 -15.75
C ARG A 124 12.19 8.46 -17.15
N THR A 125 10.85 8.39 -17.25
CA THR A 125 10.21 8.55 -18.57
C THR A 125 10.43 9.96 -19.10
N SER A 126 10.05 10.21 -20.34
CA SER A 126 10.37 11.51 -20.95
C SER A 126 9.71 12.66 -20.22
N GLU A 127 8.56 12.47 -19.60
CA GLU A 127 7.90 13.58 -18.90
C GLU A 127 8.25 13.57 -17.41
N GLY A 128 9.16 12.70 -16.98
CA GLY A 128 9.64 12.75 -15.62
C GLY A 128 9.18 11.67 -14.67
N GLY A 129 8.42 10.66 -15.14
CA GLY A 129 7.95 9.65 -14.20
C GLY A 129 9.03 8.64 -13.94
N PHE A 130 9.18 8.25 -12.67
CA PHE A 130 10.23 7.33 -12.31
C PHE A 130 9.99 5.97 -12.93
N TRP A 131 11.07 5.36 -13.40
CA TRP A 131 11.00 3.95 -13.78
C TRP A 131 10.76 3.16 -12.50
N HIS A 132 9.98 2.10 -12.59
CA HIS A 132 9.75 1.29 -11.38
C HIS A 132 11.04 0.74 -10.83
N LYS A 133 11.91 0.21 -11.67
CA LYS A 133 13.27 -0.20 -11.34
C LYS A 133 14.17 0.03 -12.56
N ASP A 134 15.50 -0.04 -12.37
CA ASP A 134 16.37 0.02 -13.56
C ASP A 134 16.03 -1.11 -14.53
N GLY A 135 15.66 -2.27 -13.98
CA GLY A 135 15.31 -3.46 -14.74
C GLY A 135 13.97 -3.39 -15.42
N TYR A 136 13.22 -2.31 -15.25
CA TYR A 136 11.92 -2.08 -15.87
C TYR A 136 11.96 -0.72 -16.57
N PRO A 137 12.84 -0.59 -17.56
CA PRO A 137 13.05 0.71 -18.19
C PRO A 137 11.77 1.30 -18.78
N TYR A 138 11.50 2.58 -18.51
CA TYR A 138 10.39 3.36 -19.04
C TYR A 138 9.02 2.85 -18.58
N GLN A 139 9.04 2.07 -17.50
CA GLN A 139 7.79 1.49 -17.00
C GLN A 139 7.39 2.09 -15.66
N MET A 140 6.17 2.64 -15.61
CA MET A 140 5.57 3.08 -14.34
C MET A 140 4.51 2.06 -13.90
N TRP A 141 4.63 1.56 -12.68
CA TRP A 141 3.66 0.59 -12.16
C TRP A 141 2.88 1.29 -11.04
N LEU A 142 1.57 1.06 -10.96
CA LEU A 142 0.84 1.81 -9.91
C LEU A 142 1.40 1.59 -8.51
N ASP A 143 1.91 0.39 -8.25
CA ASP A 143 2.43 0.08 -6.92
C ASP A 143 3.45 1.15 -6.48
N GLY A 144 4.19 1.70 -7.42
CA GLY A 144 5.27 2.63 -7.11
C GLY A 144 4.76 3.94 -6.56
N LEU A 145 3.46 4.26 -6.71
CA LEU A 145 3.01 5.50 -6.07
C LEU A 145 3.03 5.37 -4.54
N TYR A 146 2.63 4.18 -4.07
CA TYR A 146 2.72 3.89 -2.65
C TYR A 146 4.18 3.73 -2.26
N MET A 147 5.01 3.12 -3.11
CA MET A 147 6.39 2.86 -2.65
C MET A 147 7.14 4.17 -2.47
N GLY A 148 6.93 5.14 -3.36
CA GLY A 148 7.72 6.37 -3.41
C GLY A 148 6.98 7.63 -3.02
N GLY A 149 5.64 7.65 -3.02
CA GLY A 149 4.92 8.91 -2.80
C GLY A 149 4.77 9.32 -1.36
N PRO A 150 4.08 8.53 -0.53
CA PRO A 150 3.92 8.91 0.90
C PRO A 150 5.23 9.23 1.58
N PHE A 151 6.31 8.48 1.33
CA PHE A 151 7.60 8.76 1.95
C PHE A 151 8.03 10.17 1.64
N ALA A 152 7.86 10.50 0.36
CA ALA A 152 8.37 11.80 -0.10
C ALA A 152 7.66 12.94 0.61
N LEU A 153 6.36 12.80 0.82
CA LEU A 153 5.60 13.86 1.49
C LEU A 153 5.93 13.87 2.97
N LYS A 154 6.10 12.69 3.59
CA LYS A 154 6.57 12.72 5.00
C LYS A 154 7.90 13.48 5.14
N TYR A 155 8.84 13.18 4.24
CA TYR A 155 10.13 13.84 4.23
C TYR A 155 9.95 15.34 4.02
N ALA A 156 9.11 15.70 3.05
CA ALA A 156 8.89 17.10 2.70
C ALA A 156 8.47 17.88 3.95
N ASN A 157 7.63 17.27 4.78
CA ASN A 157 7.10 17.93 5.96
C ASN A 157 8.16 17.95 7.05
N LEU A 158 8.96 16.91 7.13
CA LEU A 158 9.97 16.82 8.18
C LEU A 158 11.11 17.81 7.92
N LYS A 159 11.42 17.95 6.63
CA LYS A 159 12.59 18.74 6.30
C LYS A 159 12.25 20.02 5.56
N GLN A 160 10.97 20.30 5.35
CA GLN A 160 10.53 21.49 4.66
C GLN A 160 11.15 21.63 3.28
N GLU A 161 11.04 20.58 2.49
CA GLU A 161 11.53 20.58 1.12
C GLU A 161 10.33 20.53 0.19
N THR A 162 9.81 21.70 -0.20
CA THR A 162 8.57 21.72 -0.98
C THR A 162 8.74 21.10 -2.35
N GLU A 163 9.98 20.89 -2.82
CA GLU A 163 10.11 20.33 -4.17
C GLU A 163 9.52 18.92 -4.23
N LEU A 164 9.49 18.23 -3.09
CA LEU A 164 8.92 16.87 -3.00
C LEU A 164 7.42 16.92 -3.20
N PHE A 165 6.72 18.01 -2.81
CA PHE A 165 5.31 18.05 -3.15
C PHE A 165 5.13 18.00 -4.66
N ASP A 166 5.94 18.85 -5.32
CA ASP A 166 5.88 18.89 -6.77
C ASP A 166 6.16 17.51 -7.38
N GLN A 167 7.16 16.82 -6.85
CA GLN A 167 7.53 15.50 -7.38
C GLN A 167 6.37 14.53 -7.30
N VAL A 168 5.71 14.47 -6.15
CA VAL A 168 4.59 13.50 -6.02
C VAL A 168 3.41 13.92 -6.88
N VAL A 169 3.12 15.22 -6.95
CA VAL A 169 2.07 15.68 -7.88
C VAL A 169 2.35 15.22 -9.30
N LEU A 170 3.61 15.35 -9.72
CA LEU A 170 3.95 14.93 -11.09
C LEU A 170 3.81 13.42 -11.26
N GLN A 171 4.36 12.64 -10.34
CA GLN A 171 4.33 11.17 -10.48
C GLN A 171 2.88 10.71 -10.62
N GLU A 172 2.03 11.28 -9.73
CA GLU A 172 0.63 10.84 -9.72
C GLU A 172 -0.03 11.31 -11.00
N SER A 173 0.23 12.54 -11.43
CA SER A 173 -0.52 12.95 -12.62
C SER A 173 -0.17 12.09 -13.83
N LEU A 174 1.09 11.68 -13.93
CA LEU A 174 1.50 10.86 -15.07
C LEU A 174 0.91 9.46 -15.04
N MET A 175 0.92 8.85 -13.86
CA MET A 175 0.26 7.54 -13.78
C MET A 175 -1.22 7.61 -14.15
N ARG A 176 -1.88 8.62 -13.61
CA ARG A 176 -3.31 8.77 -13.90
C ARG A 176 -3.57 9.11 -15.36
N LYS A 177 -2.79 10.03 -15.90
CA LYS A 177 -2.90 10.32 -17.33
C LYS A 177 -2.75 9.05 -18.14
N HIS A 178 -1.79 8.19 -17.81
CA HIS A 178 -1.59 7.09 -18.76
C HIS A 178 -2.35 5.83 -18.45
N THR A 179 -2.68 5.53 -17.18
CA THR A 179 -3.32 4.25 -16.89
C THR A 179 -4.82 4.34 -16.59
N LYS A 180 -5.38 5.50 -16.34
CA LYS A 180 -6.81 5.50 -15.98
C LYS A 180 -7.65 5.08 -17.18
N ASP A 181 -8.54 4.10 -16.98
CA ASP A 181 -9.49 3.72 -18.01
C ASP A 181 -10.76 4.55 -17.87
N ALA A 182 -11.10 5.32 -18.89
CA ALA A 182 -12.28 6.18 -18.78
C ALA A 182 -13.57 5.39 -18.68
N LYS A 183 -13.63 4.25 -19.38
CA LYS A 183 -14.80 3.38 -19.35
C LYS A 183 -15.17 2.98 -17.92
N THR A 184 -14.33 2.21 -17.23
CA THR A 184 -14.62 1.69 -15.91
C THR A 184 -14.16 2.58 -14.78
N GLY A 185 -13.25 3.52 -15.04
CA GLY A 185 -12.67 4.31 -13.98
C GLY A 185 -11.58 3.54 -13.25
N LEU A 186 -11.35 2.29 -13.59
CA LEU A 186 -10.20 1.61 -12.97
C LEU A 186 -8.91 1.98 -13.69
N PHE A 187 -7.76 1.63 -13.12
CA PHE A 187 -6.47 2.01 -13.71
C PHE A 187 -5.62 0.77 -14.01
N TYR A 188 -5.10 0.69 -15.21
CA TYR A 188 -4.22 -0.43 -15.55
C TYR A 188 -2.96 -0.49 -14.66
N HIS A 189 -2.48 -1.68 -14.39
CA HIS A 189 -1.34 -1.88 -13.49
C HIS A 189 -0.08 -1.13 -13.90
N ALA A 190 0.25 -1.11 -15.19
CA ALA A 190 1.54 -0.55 -15.56
C ALA A 190 1.43 0.09 -16.94
N TRP A 191 2.37 0.98 -17.22
CA TRP A 191 2.44 1.68 -18.49
C TRP A 191 3.91 1.69 -18.95
N ASP A 192 4.14 1.26 -20.18
CA ASP A 192 5.52 1.27 -20.71
C ASP A 192 5.67 2.37 -21.75
N GLU A 193 6.31 3.49 -21.41
CA GLU A 193 6.43 4.53 -22.42
C GLU A 193 7.11 4.05 -23.70
N ALA A 194 8.07 3.15 -23.55
CA ALA A 194 8.89 2.69 -24.67
C ALA A 194 8.13 1.69 -25.53
N LYS A 195 7.03 1.14 -25.04
CA LYS A 195 6.27 0.12 -25.75
C LYS A 195 7.15 -1.04 -26.21
N LYS A 196 7.95 -1.56 -25.29
CA LYS A 196 8.88 -2.63 -25.59
C LYS A 196 8.48 -3.90 -24.87
N MET A 197 7.72 -3.80 -23.78
CA MET A 197 7.33 -5.03 -23.06
C MET A 197 6.20 -5.80 -23.75
N PRO A 198 6.17 -7.10 -23.60
CA PRO A 198 5.12 -7.87 -24.29
C PRO A 198 3.71 -7.51 -23.81
N TRP A 199 3.58 -7.08 -22.57
CA TRP A 199 2.26 -6.66 -22.09
C TRP A 199 1.83 -5.28 -22.53
N ALA A 200 2.72 -4.49 -23.15
CA ALA A 200 2.37 -3.11 -23.44
C ALA A 200 1.45 -2.97 -24.64
N ASN A 201 0.29 -2.36 -24.45
CA ASN A 201 -0.62 -2.08 -25.56
C ASN A 201 0.08 -1.23 -26.61
N GLU A 202 -0.03 -1.63 -27.88
CA GLU A 202 0.67 -0.95 -28.96
C GLU A 202 0.24 0.49 -29.13
N GLU A 203 -0.99 0.77 -28.70
CA GLU A 203 -1.40 2.18 -28.86
C GLU A 203 -1.24 2.96 -27.57
N THR A 204 -1.52 2.38 -26.40
CA THR A 204 -1.48 3.18 -25.17
C THR A 204 -0.28 2.94 -24.26
N GLY A 205 0.42 1.83 -24.50
CA GLY A 205 1.54 1.49 -23.63
C GLY A 205 1.11 0.76 -22.38
N CYS A 206 -0.18 0.64 -22.08
CA CYS A 206 -0.63 0.01 -20.84
C CYS A 206 -0.67 -1.52 -20.83
N SER A 207 -0.47 -2.10 -19.66
CA SER A 207 -0.77 -3.52 -19.41
C SER A 207 -2.28 -3.71 -19.57
N PRO A 208 -2.72 -4.94 -19.78
CA PRO A 208 -4.14 -5.16 -20.14
C PRO A 208 -5.14 -5.29 -19.01
N GLU A 209 -4.74 -5.48 -17.76
CA GLU A 209 -5.73 -5.84 -16.73
C GLU A 209 -5.69 -4.90 -15.52
N PHE A 210 -6.83 -4.88 -14.83
CA PHE A 210 -7.02 -4.22 -13.54
C PHE A 210 -6.72 -5.22 -12.43
N TRP A 211 -5.49 -5.15 -11.91
CA TRP A 211 -5.03 -6.08 -10.91
C TRP A 211 -5.24 -5.46 -9.52
N ALA A 212 -6.00 -6.11 -8.65
CA ALA A 212 -6.54 -5.41 -7.49
C ALA A 212 -5.50 -4.75 -6.58
N ARG A 213 -4.45 -5.47 -6.18
CA ARG A 213 -3.52 -4.86 -5.22
C ARG A 213 -2.93 -3.56 -5.77
N SER A 214 -2.57 -3.55 -7.06
CA SER A 214 -1.93 -2.33 -7.55
C SER A 214 -2.85 -1.12 -7.42
N ILE A 215 -4.14 -1.31 -7.73
CA ILE A 215 -5.09 -0.19 -7.55
C ILE A 215 -5.25 0.13 -6.08
N GLY A 216 -5.20 -0.91 -5.23
CA GLY A 216 -5.20 -0.71 -3.80
C GLY A 216 -4.12 0.20 -3.29
N TRP A 217 -2.86 -0.05 -3.70
CA TRP A 217 -1.79 0.84 -3.27
C TRP A 217 -2.06 2.29 -3.72
N TYR A 218 -2.65 2.42 -4.91
CA TYR A 218 -2.91 3.78 -5.41
C TYR A 218 -3.90 4.50 -4.50
N VAL A 219 -5.02 3.82 -4.19
CA VAL A 219 -6.04 4.54 -3.41
C VAL A 219 -5.57 4.67 -1.98
N MET A 220 -4.82 3.72 -1.42
CA MET A 220 -4.26 3.97 -0.10
C MET A 220 -3.40 5.23 -0.12
N SER A 221 -2.58 5.33 -1.17
CA SER A 221 -1.71 6.50 -1.29
C SER A 221 -2.47 7.82 -1.31
N LEU A 222 -3.45 7.96 -2.21
CA LEU A 222 -4.25 9.19 -2.26
C LEU A 222 -4.88 9.50 -0.91
N ALA A 223 -5.47 8.45 -0.29
CA ALA A 223 -6.13 8.67 0.99
C ALA A 223 -5.19 9.18 2.07
N ASP A 224 -3.95 8.69 2.09
CA ASP A 224 -2.97 9.14 3.06
C ASP A 224 -2.28 10.43 2.68
N MET A 225 -2.09 10.72 1.40
CA MET A 225 -1.24 11.87 1.06
C MET A 225 -1.91 13.23 1.12
N ILE A 226 -3.24 13.25 0.97
CA ILE A 226 -3.96 14.53 0.93
C ILE A 226 -3.63 15.36 2.18
N GLU A 227 -3.63 14.74 3.36
CA GLU A 227 -3.42 15.51 4.58
C GLU A 227 -1.98 15.97 4.72
N GLU A 228 -1.06 15.42 3.91
CA GLU A 228 0.34 15.84 4.04
C GLU A 228 0.68 17.07 3.20
N LEU A 229 -0.19 17.44 2.28
CA LEU A 229 0.01 18.61 1.45
C LEU A 229 -0.12 19.90 2.28
N PRO A 230 0.55 20.97 1.86
CA PRO A 230 0.31 22.27 2.50
C PRO A 230 -1.17 22.61 2.52
N LYS A 231 -1.62 23.44 3.46
CA LYS A 231 -3.02 23.85 3.31
C LYS A 231 -3.23 24.65 2.02
N LYS A 232 -4.43 24.47 1.47
CA LYS A 232 -4.80 25.14 0.22
C LYS A 232 -3.98 24.68 -0.97
N HIS A 233 -3.14 23.65 -0.83
CA HIS A 233 -2.43 23.14 -2.01
C HIS A 233 -3.46 22.70 -3.05
N PRO A 234 -3.22 23.02 -4.34
CA PRO A 234 -4.16 22.66 -5.39
C PRO A 234 -4.44 21.17 -5.45
N ASN A 235 -3.50 20.33 -5.01
CA ASN A 235 -3.83 18.91 -5.22
C ASN A 235 -4.66 18.31 -4.11
N ARG A 236 -4.90 19.14 -3.07
CA ARG A 236 -5.88 18.62 -2.10
C ARG A 236 -7.19 18.35 -2.84
N HIS A 237 -7.63 19.28 -3.68
CA HIS A 237 -8.90 19.11 -4.39
C HIS A 237 -8.78 18.00 -5.42
N VAL A 238 -7.66 18.03 -6.13
CA VAL A 238 -7.48 17.05 -7.20
C VAL A 238 -7.48 15.61 -6.70
N TRP A 239 -6.67 15.32 -5.68
CA TRP A 239 -6.57 13.95 -5.15
C TRP A 239 -7.84 13.50 -4.45
N LYS A 240 -8.53 14.44 -3.76
CA LYS A 240 -9.84 14.08 -3.22
C LYS A 240 -10.81 13.63 -4.31
N ASN A 241 -10.89 14.46 -5.36
CA ASN A 241 -11.76 14.12 -6.47
C ASN A 241 -11.38 12.78 -7.11
N THR A 242 -10.08 12.60 -7.30
CA THR A 242 -9.56 11.37 -7.88
C THR A 242 -9.91 10.17 -7.00
N LEU A 243 -9.70 10.32 -5.70
CA LEU A 243 -10.05 9.22 -4.79
C LEU A 243 -11.55 8.92 -4.83
N GLN A 244 -12.37 9.98 -4.77
CA GLN A 244 -13.81 9.74 -4.89
C GLN A 244 -14.21 8.92 -6.10
N ASP A 245 -13.74 9.31 -7.30
CA ASP A 245 -14.08 8.53 -8.50
C ASP A 245 -13.50 7.12 -8.51
N MET A 246 -12.25 6.97 -8.04
CA MET A 246 -11.65 5.65 -8.01
C MET A 246 -12.46 4.73 -7.08
N ILE A 247 -12.85 5.28 -5.92
CA ILE A 247 -13.59 4.43 -4.97
C ILE A 247 -14.97 4.09 -5.53
N LYS A 248 -15.61 5.05 -6.18
CA LYS A 248 -16.88 4.69 -6.82
C LYS A 248 -16.65 3.57 -7.83
N SER A 249 -15.58 3.64 -8.62
CA SER A 249 -15.33 2.61 -9.62
C SER A 249 -15.11 1.24 -9.02
N ILE A 250 -14.26 1.21 -7.99
CA ILE A 250 -13.91 -0.02 -7.31
C ILE A 250 -15.13 -0.69 -6.69
N CYS A 251 -15.95 0.14 -6.03
CA CYS A 251 -17.08 -0.43 -5.29
C CYS A 251 -18.09 -1.06 -6.21
N ARG A 252 -18.16 -0.59 -7.45
CA ARG A 252 -19.10 -1.23 -8.38
C ARG A 252 -18.73 -2.69 -8.56
N TYR A 253 -17.46 -3.04 -8.34
CA TYR A 253 -17.00 -4.41 -8.56
C TYR A 253 -16.96 -5.19 -7.26
N GLN A 254 -17.49 -4.63 -6.17
CA GLN A 254 -17.43 -5.44 -4.94
C GLN A 254 -18.29 -6.70 -5.12
N ASP A 255 -17.86 -7.84 -4.63
CA ASP A 255 -18.61 -9.09 -4.81
C ASP A 255 -19.87 -9.03 -3.97
N LYS A 256 -21.05 -9.21 -4.57
CA LYS A 256 -22.23 -9.03 -3.71
C LYS A 256 -22.33 -10.11 -2.65
N GLU A 257 -21.93 -11.35 -2.96
CA GLU A 257 -21.99 -12.40 -1.96
C GLU A 257 -20.96 -12.29 -0.85
N THR A 258 -19.68 -12.03 -1.10
CA THR A 258 -18.73 -11.99 0.01
C THR A 258 -18.39 -10.60 0.51
N GLY A 259 -18.66 -9.54 -0.26
CA GLY A 259 -18.19 -8.22 0.14
C GLY A 259 -16.75 -7.99 -0.30
N LEU A 260 -16.09 -8.94 -0.96
CA LEU A 260 -14.65 -8.75 -1.25
C LEU A 260 -14.39 -8.44 -2.72
N TRP A 261 -13.12 -8.27 -3.13
CA TRP A 261 -12.84 -7.97 -4.53
C TRP A 261 -11.94 -9.02 -5.18
N TYR A 262 -12.00 -9.14 -6.49
CA TYR A 262 -11.31 -10.15 -7.26
C TYR A 262 -9.89 -9.74 -7.66
N GLN A 263 -9.00 -10.69 -7.68
CA GLN A 263 -7.63 -10.54 -8.20
C GLN A 263 -7.61 -9.66 -9.44
N ILE A 264 -8.47 -9.94 -10.43
CA ILE A 264 -8.69 -9.08 -11.58
C ILE A 264 -10.09 -8.48 -11.43
N VAL A 265 -10.05 -7.19 -11.16
CA VAL A 265 -11.14 -6.52 -10.46
C VAL A 265 -12.46 -6.66 -11.22
N ASP A 266 -12.36 -6.54 -12.54
CA ASP A 266 -13.61 -6.36 -13.29
C ASP A 266 -14.08 -7.69 -13.87
N LYS A 267 -13.42 -8.80 -13.52
CA LYS A 267 -13.78 -10.03 -14.23
C LYS A 267 -14.18 -11.15 -13.28
N GLY A 268 -14.95 -10.80 -12.25
CA GLY A 268 -15.29 -11.71 -11.19
C GLY A 268 -16.17 -12.86 -11.63
N ASP A 269 -16.74 -12.76 -12.81
CA ASP A 269 -17.57 -13.89 -13.27
C ASP A 269 -16.70 -15.00 -13.82
N ARG A 270 -15.45 -14.68 -14.15
CA ARG A 270 -14.57 -15.69 -14.75
C ARG A 270 -14.23 -16.77 -13.75
N SER A 271 -14.41 -18.03 -14.13
CA SER A 271 -14.19 -19.13 -13.21
C SER A 271 -12.75 -19.25 -12.75
N ASP A 272 -11.80 -18.67 -13.50
CA ASP A 272 -10.42 -18.82 -13.05
C ASP A 272 -9.98 -17.60 -12.24
N ASN A 273 -10.87 -16.65 -12.08
CA ASN A 273 -10.63 -15.52 -11.18
C ASN A 273 -10.90 -15.93 -9.73
N TRP A 274 -10.50 -15.15 -8.75
CA TRP A 274 -10.74 -15.50 -7.35
C TRP A 274 -10.67 -14.25 -6.49
N LEU A 275 -11.28 -14.26 -5.31
CA LEU A 275 -11.28 -13.15 -4.36
C LEU A 275 -9.93 -13.04 -3.65
N GLU A 276 -9.33 -11.87 -3.70
CA GLU A 276 -7.97 -11.74 -3.18
C GLU A 276 -7.96 -10.77 -2.01
N SER A 277 -7.22 -11.13 -0.98
CA SER A 277 -7.33 -10.46 0.31
C SER A 277 -6.54 -9.16 0.42
N SER A 278 -5.32 -9.10 -0.14
CA SER A 278 -4.53 -7.87 0.11
C SER A 278 -5.19 -6.71 -0.63
N GLY A 279 -5.60 -6.87 -1.88
CA GLY A 279 -6.30 -5.78 -2.56
C GLY A 279 -7.56 -5.37 -1.82
N SER A 280 -8.35 -6.33 -1.33
CA SER A 280 -9.58 -6.09 -0.59
C SER A 280 -9.32 -5.28 0.66
N CYS A 281 -8.27 -5.61 1.42
CA CYS A 281 -7.89 -4.86 2.61
C CYS A 281 -7.43 -3.44 2.27
N LEU A 282 -6.74 -3.27 1.14
CA LEU A 282 -6.32 -1.92 0.74
C LEU A 282 -7.52 -1.05 0.40
N TYR A 283 -8.53 -1.63 -0.23
CA TYR A 283 -9.74 -0.86 -0.57
C TYR A 283 -10.42 -0.50 0.75
N MET A 284 -10.43 -1.47 1.68
CA MET A 284 -11.09 -1.20 2.96
C MET A 284 -10.38 -0.05 3.65
N TYR A 285 -9.04 -0.09 3.63
CA TYR A 285 -8.28 0.98 4.25
C TYR A 285 -8.67 2.32 3.62
N ALA A 286 -8.61 2.38 2.29
CA ALA A 286 -8.78 3.69 1.67
C ALA A 286 -10.21 4.18 1.88
N ILE A 287 -11.16 3.23 1.94
CA ILE A 287 -12.55 3.69 2.11
C ILE A 287 -12.74 4.20 3.54
N ALA A 288 -12.28 3.44 4.52
CA ALA A 288 -12.34 3.89 5.91
C ALA A 288 -11.58 5.19 6.13
N LYS A 289 -10.36 5.29 5.58
CA LYS A 289 -9.58 6.52 5.76
C LYS A 289 -10.27 7.72 5.13
N GLY A 290 -10.83 7.49 3.93
CA GLY A 290 -11.54 8.53 3.17
C GLY A 290 -12.77 9.02 3.93
N ILE A 291 -13.45 8.05 4.56
CA ILE A 291 -14.63 8.47 5.36
C ILE A 291 -14.18 9.24 6.58
N ASN A 292 -13.20 8.70 7.32
CA ASN A 292 -12.68 9.34 8.50
C ASN A 292 -12.20 10.76 8.21
N LYS A 293 -11.59 11.04 7.06
CA LYS A 293 -11.04 12.36 6.78
C LYS A 293 -12.03 13.27 6.08
N GLY A 294 -13.22 12.74 5.80
CA GLY A 294 -14.17 13.56 5.05
C GLY A 294 -14.02 13.59 3.55
N TYR A 295 -13.14 12.77 2.94
CA TYR A 295 -13.04 12.75 1.50
C TYR A 295 -14.19 11.99 0.83
N LEU A 296 -14.79 11.07 1.58
CA LEU A 296 -15.79 10.16 1.05
C LEU A 296 -17.12 10.29 1.80
N ASP A 297 -18.22 10.17 1.09
CA ASP A 297 -19.53 10.18 1.78
C ASP A 297 -19.60 9.06 2.80
N ARG A 298 -20.17 9.33 3.97
CA ARG A 298 -20.24 8.39 5.06
C ARG A 298 -21.04 7.16 4.66
N ALA A 299 -21.85 7.26 3.61
CA ALA A 299 -22.64 6.08 3.25
C ALA A 299 -21.78 4.93 2.78
N TYR A 300 -20.51 5.17 2.46
CA TYR A 300 -19.61 4.06 2.11
C TYR A 300 -19.36 3.12 3.28
N GLU A 301 -19.80 3.49 4.48
CA GLU A 301 -19.59 2.61 5.65
C GLU A 301 -20.24 1.25 5.46
N THR A 302 -21.38 1.18 4.76
CA THR A 302 -22.02 -0.13 4.56
C THR A 302 -21.16 -1.03 3.68
N THR A 303 -20.62 -0.48 2.59
CA THR A 303 -19.71 -1.20 1.71
C THR A 303 -18.54 -1.75 2.53
N LEU A 304 -18.05 -0.82 3.36
CA LEU A 304 -16.91 -1.12 4.24
C LEU A 304 -17.22 -2.22 5.23
N LEU A 305 -18.34 -2.14 5.94
CA LEU A 305 -18.65 -3.20 6.91
C LEU A 305 -18.98 -4.54 6.27
N LYS A 306 -19.52 -4.48 5.05
CA LYS A 306 -19.81 -5.71 4.33
C LYS A 306 -18.49 -6.37 3.93
N ALA A 307 -17.53 -5.54 3.50
CA ALA A 307 -16.19 -6.04 3.18
C ALA A 307 -15.58 -6.68 4.41
N TYR A 308 -15.67 -6.01 5.56
CA TYR A 308 -15.15 -6.48 6.82
C TYR A 308 -15.72 -7.83 7.22
N GLN A 309 -17.06 -7.95 7.14
CA GLN A 309 -17.69 -9.22 7.50
C GLN A 309 -17.20 -10.35 6.59
N GLY A 310 -17.11 -10.15 5.28
CA GLY A 310 -16.69 -11.20 4.37
C GLY A 310 -15.21 -11.51 4.53
N LEU A 311 -14.40 -10.47 4.77
CA LEU A 311 -12.96 -10.67 4.99
C LEU A 311 -12.75 -11.69 6.10
N ILE A 312 -13.42 -11.41 7.23
CA ILE A 312 -13.17 -12.27 8.39
C ILE A 312 -13.71 -13.68 8.19
N GLN A 313 -14.89 -13.69 7.61
CA GLN A 313 -15.63 -14.94 7.47
C GLN A 313 -15.00 -15.85 6.43
N HIS A 314 -14.62 -15.23 5.33
CA HIS A 314 -14.12 -16.05 4.22
C HIS A 314 -12.61 -16.18 4.15
N LYS A 315 -11.85 -15.22 4.71
CA LYS A 315 -10.41 -15.26 4.49
C LYS A 315 -9.62 -15.39 5.77
N THR A 316 -10.29 -15.49 6.93
CA THR A 316 -9.47 -15.65 8.12
C THR A 316 -9.90 -16.87 8.93
N GLU A 317 -8.96 -17.28 9.77
CA GLU A 317 -9.24 -18.36 10.73
C GLU A 317 -8.15 -18.42 11.78
N THR A 318 -8.45 -19.15 12.85
CA THR A 318 -7.41 -19.41 13.83
C THR A 318 -6.94 -20.85 13.78
N SER A 319 -5.64 -21.10 13.77
CA SER A 319 -5.15 -22.47 13.63
C SER A 319 -5.39 -23.27 14.91
N GLU A 320 -5.30 -24.60 14.79
CA GLU A 320 -5.38 -25.40 16.03
C GLU A 320 -4.37 -24.93 17.06
N ASP A 321 -3.22 -24.43 16.61
CA ASP A 321 -2.21 -23.91 17.53
C ASP A 321 -2.41 -22.46 17.89
N GLY A 322 -3.49 -21.83 17.39
CA GLY A 322 -3.80 -20.50 17.89
C GLY A 322 -3.29 -19.40 17.00
N ALA A 323 -2.70 -19.75 15.85
CA ALA A 323 -2.20 -18.68 14.98
C ALA A 323 -3.35 -18.01 14.25
N PHE A 324 -3.34 -16.70 14.13
CA PHE A 324 -4.35 -16.07 13.27
C PHE A 324 -3.88 -16.04 11.81
N LEU A 325 -4.69 -16.55 10.88
CA LEU A 325 -4.29 -16.69 9.50
C LEU A 325 -5.17 -15.92 8.53
N VAL A 326 -4.53 -15.09 7.71
CA VAL A 326 -5.18 -14.44 6.60
C VAL A 326 -4.73 -15.13 5.31
N LYS A 327 -5.67 -15.71 4.59
CA LYS A 327 -5.29 -16.53 3.44
C LYS A 327 -5.59 -15.81 2.14
N ASP A 328 -5.19 -16.39 1.03
CA ASP A 328 -5.47 -15.83 -0.27
C ASP A 328 -4.90 -14.42 -0.48
N ILE A 329 -3.71 -14.22 0.07
CA ILE A 329 -2.96 -13.01 -0.29
C ILE A 329 -2.08 -13.31 -1.52
N CYS A 330 -2.28 -12.57 -2.60
CA CYS A 330 -1.37 -12.71 -3.74
C CYS A 330 0.11 -12.61 -3.47
N VAL A 331 0.92 -13.54 -3.96
CA VAL A 331 2.36 -13.35 -3.74
C VAL A 331 2.87 -12.17 -4.56
N GLY A 332 4.15 -11.78 -4.37
CA GLY A 332 4.71 -10.67 -5.14
C GLY A 332 4.50 -10.93 -6.63
N THR A 333 4.03 -9.94 -7.37
CA THR A 333 3.51 -10.11 -8.72
C THR A 333 3.94 -8.97 -9.62
N SER A 334 4.31 -9.24 -10.86
CA SER A 334 4.73 -8.17 -11.76
C SER A 334 3.62 -7.76 -12.72
N ALA A 335 3.92 -6.76 -13.56
CA ALA A 335 3.02 -6.38 -14.64
C ALA A 335 2.87 -7.51 -15.65
N GLY A 336 1.68 -7.77 -16.15
CA GLY A 336 1.62 -8.90 -17.10
C GLY A 336 0.23 -9.10 -17.65
N PHE A 337 -0.16 -10.32 -18.03
CA PHE A 337 -1.42 -10.68 -18.65
C PHE A 337 -2.42 -11.36 -17.70
N TYR A 338 -3.70 -11.36 -18.08
CA TYR A 338 -4.76 -12.02 -17.33
C TYR A 338 -4.33 -13.38 -16.80
N ASP A 339 -3.85 -14.25 -17.72
CA ASP A 339 -3.52 -15.61 -17.30
C ASP A 339 -2.40 -15.63 -16.27
N TYR A 340 -1.50 -14.66 -16.36
CA TYR A 340 -0.44 -14.60 -15.35
C TYR A 340 -1.01 -14.19 -14.00
N TYR A 341 -1.83 -13.12 -14.02
CA TYR A 341 -2.40 -12.70 -12.72
C TYR A 341 -3.25 -13.78 -12.05
N VAL A 342 -4.15 -14.44 -12.78
CA VAL A 342 -5.02 -15.38 -12.04
C VAL A 342 -4.21 -16.62 -11.66
N SER A 343 -3.03 -16.81 -12.28
CA SER A 343 -2.19 -17.94 -11.92
C SER A 343 -1.27 -17.69 -10.76
N ARG A 344 -1.25 -16.47 -10.21
CA ARG A 344 -0.35 -16.21 -9.09
C ARG A 344 -0.70 -17.04 -7.85
N GLU A 345 0.31 -17.47 -7.13
CA GLU A 345 0.16 -18.25 -5.91
C GLU A 345 -0.62 -17.46 -4.85
N ARG A 346 -1.51 -18.16 -4.17
CA ARG A 346 -2.29 -17.58 -3.07
C ARG A 346 -1.68 -18.08 -1.77
N SER A 347 -1.11 -17.17 -0.98
CA SER A 347 -0.34 -17.49 0.22
C SER A 347 -1.01 -16.94 1.49
N THR A 348 -0.67 -17.47 2.66
CA THR A 348 -1.24 -17.08 3.95
C THR A 348 -0.27 -16.21 4.73
N ASN A 349 -0.73 -15.08 5.23
CA ASN A 349 0.05 -14.22 6.09
C ASN A 349 1.31 -13.64 5.42
N ASP A 350 1.30 -13.59 4.09
CA ASP A 350 2.37 -12.81 3.45
C ASP A 350 2.41 -11.39 3.99
N LEU A 351 3.61 -10.81 4.18
CA LEU A 351 3.73 -9.58 4.93
C LEU A 351 3.03 -8.37 4.30
N HIS A 352 3.03 -8.24 2.97
CA HIS A 352 2.36 -7.03 2.45
C HIS A 352 0.86 -7.11 2.71
N GLY A 353 0.29 -8.30 2.50
CA GLY A 353 -1.09 -8.51 2.89
C GLY A 353 -1.33 -8.40 4.38
N ALA A 354 -0.43 -8.91 5.22
CA ALA A 354 -0.67 -8.72 6.66
C ALA A 354 -0.62 -7.25 7.01
N GLY A 355 0.30 -6.48 6.44
CA GLY A 355 0.35 -5.05 6.64
C GLY A 355 -0.94 -4.35 6.19
N ALA A 356 -1.44 -4.72 5.02
CA ALA A 356 -2.69 -4.10 4.52
C ALA A 356 -3.85 -4.42 5.47
N PHE A 357 -3.92 -5.66 5.97
CA PHE A 357 -4.94 -6.08 6.91
C PHE A 357 -4.89 -5.23 8.17
N ILE A 358 -3.72 -5.19 8.79
CA ILE A 358 -3.53 -4.44 10.03
C ILE A 358 -3.84 -2.96 9.83
N LEU A 359 -3.34 -2.34 8.76
CA LEU A 359 -3.67 -0.93 8.51
C LEU A 359 -5.18 -0.76 8.36
N ALA A 360 -5.83 -1.63 7.57
CA ALA A 360 -7.28 -1.55 7.39
C ALA A 360 -8.00 -1.56 8.73
N MET A 361 -7.61 -2.49 9.59
CA MET A 361 -8.28 -2.57 10.88
C MET A 361 -8.13 -1.29 11.72
N THR A 362 -6.93 -0.69 11.74
CA THR A 362 -6.75 0.49 12.57
C THR A 362 -7.64 1.62 12.09
N GLU A 363 -7.91 1.68 10.79
CA GLU A 363 -8.69 2.80 10.27
C GLU A 363 -10.18 2.49 10.39
N LEU A 364 -10.43 1.17 10.45
CA LEU A 364 -11.85 0.75 10.53
C LEU A 364 -12.38 0.90 11.95
N GLU A 365 -11.52 0.70 12.93
CA GLU A 365 -11.83 0.65 14.36
C GLU A 365 -12.75 1.82 14.74
N PRO A 366 -12.39 3.08 14.50
CA PRO A 366 -13.32 4.15 14.91
C PRO A 366 -14.68 4.05 14.26
N LEU A 367 -14.77 3.70 12.96
CA LEU A 367 -16.10 3.64 12.36
C LEU A 367 -16.93 2.48 12.88
N PHE A 368 -16.28 1.38 13.21
CA PHE A 368 -16.92 0.22 13.82
C PHE A 368 -17.51 0.62 15.17
N ARG A 369 -16.72 1.33 15.95
CA ARG A 369 -17.12 1.74 17.28
C ARG A 369 -18.33 2.66 17.26
N SER A 370 -18.39 3.51 16.24
CA SER A 370 -19.43 4.52 16.21
C SER A 370 -20.58 4.10 15.32
N ALA A 371 -20.54 2.88 14.77
CA ALA A 371 -21.60 2.44 13.87
C ALA A 371 -22.98 2.58 14.51
N GLY A 372 -23.96 3.10 13.81
CA GLY A 372 -25.32 3.28 14.32
C GLY A 372 -25.62 4.65 14.90
N LYS A 373 -24.58 5.38 15.34
CA LYS A 373 -24.76 6.66 16.01
C LYS A 373 -25.05 7.82 15.08
C1 NGA B . 11.98 -12.93 -8.12
C2 NGA B . 11.16 -11.81 -8.76
C3 NGA B . 10.44 -10.98 -7.69
C4 NGA B . 9.53 -11.94 -6.87
C5 NGA B . 10.27 -13.15 -6.42
C6 NGA B . 9.55 -14.02 -5.39
C7 NGA B . 11.58 -10.80 -10.97
C8 NGA B . 12.50 -9.83 -11.73
N2 NGA B . 11.93 -10.98 -9.68
O1 NGA B . 12.71 -13.67 -9.10
O3 NGA B . 9.53 -10.05 -8.34
O4 NGA B . 8.32 -12.10 -7.64
O5 NGA B . 11.06 -13.83 -7.42
O6 NGA B . 9.38 -13.27 -4.19
O7 NGA B . 10.53 -11.20 -11.48
C1 GCD B . 9.98 -8.70 -8.06
C2 GCD B . 9.12 -7.82 -8.98
C3 GCD B . 7.64 -8.07 -8.68
C4 GCD B . 7.35 -7.92 -7.15
C5 GCD B . 8.46 -7.90 -6.29
C6 GCD B . 8.16 -7.87 -4.77
O2 GCD B . 9.53 -6.46 -8.95
O3 GCD B . 7.31 -9.43 -9.01
O5 GCD B . 9.66 -8.47 -6.66
O6A GCD B . 6.98 -7.98 -4.39
O6B GCD B . 9.18 -8.08 -4.05
#